data_1V45
#
_entry.id   1V45
#
_cell.length_a   141.320
_cell.length_b   141.320
_cell.length_c   162.620
_cell.angle_alpha   90.00
_cell.angle_beta   90.00
_cell.angle_gamma   120.00
#
_symmetry.space_group_name_H-M   'H 3 2'
#
loop_
_entity.id
_entity.type
_entity.pdbx_description
1 polymer 'Purine nucleoside phosphorylase'
2 non-polymer 'SULFATE ION'
3 non-polymer 9-(3-DEOXY-BETA-D-RIBOFURANOSYL)GUANINE
4 water water
#
_entity_poly.entity_id   1
_entity_poly.type   'polypeptide(L)'
_entity_poly.pdbx_seq_one_letter_code
;ENGYTYEDYKNTAEWLLSHTKHRPQVAIICGSGLGGLTDKLTQAQIFDYSEIPNFPRSTVPGHAGRLVFGFLNGRACVMM
QGRFHMYEGYPLWKVTFPVRVFHLLGVDTLVVTNAAGGLNPKFEVGDIMLIRDHINLPGFSGQNPLRGPNDERFGDRFPA
MSDAYDRTMRQRALSTWKQMGEQRELQEGTYVMVAGPSFETVAECRVLQKLGADAVGMSTVPEVIVARHCGLRVFGFSLI
TNKVIMDYESLEKANHEEVLAAGKQAAQKLEQFVSILMASIPLPDKAS
;
_entity_poly.pdbx_strand_id   E
#
# COMPACT_ATOMS: atom_id res chain seq x y z
N GLU A 1 9.59 -15.85 -3.43
CA GLU A 1 9.68 -16.94 -2.39
C GLU A 1 8.39 -17.78 -2.29
N ASN A 2 8.59 -19.05 -1.94
CA ASN A 2 7.56 -20.07 -1.77
C ASN A 2 6.30 -20.06 -2.63
N GLY A 3 5.92 -21.23 -3.14
CA GLY A 3 4.73 -21.33 -3.96
C GLY A 3 4.96 -20.83 -5.37
N TYR A 4 5.67 -19.73 -5.54
CA TYR A 4 5.97 -19.17 -6.85
C TYR A 4 7.46 -19.23 -7.08
N THR A 5 7.83 -19.43 -8.33
CA THR A 5 9.22 -19.52 -8.73
C THR A 5 9.52 -18.31 -9.59
N TYR A 6 10.79 -18.00 -9.78
CA TYR A 6 11.16 -16.84 -10.60
C TYR A 6 10.47 -16.85 -11.94
N GLU A 7 10.37 -18.04 -12.53
CA GLU A 7 9.72 -18.23 -13.82
C GLU A 7 8.30 -17.67 -13.78
N ASP A 8 7.55 -18.03 -12.75
CA ASP A 8 6.16 -17.59 -12.57
C ASP A 8 6.05 -16.09 -12.68
N TYR A 9 6.82 -15.38 -11.87
CA TYR A 9 6.83 -13.93 -11.90
C TYR A 9 7.18 -13.49 -13.31
N LYS A 10 8.28 -14.02 -13.83
CA LYS A 10 8.74 -13.69 -15.16
C LYS A 10 7.64 -13.87 -16.19
N ASN A 11 6.85 -14.93 -16.08
CA ASN A 11 5.79 -15.17 -17.05
C ASN A 11 4.63 -14.23 -16.90
N THR A 12 4.22 -13.94 -15.67
CA THR A 12 3.10 -13.03 -15.42
C THR A 12 3.45 -11.63 -15.95
N ALA A 13 4.65 -11.16 -15.62
CA ALA A 13 5.11 -9.85 -16.05
C ALA A 13 5.17 -9.77 -17.57
N GLU A 14 5.71 -10.81 -18.22
CA GLU A 14 5.80 -10.84 -19.67
C GLU A 14 4.45 -10.85 -20.33
N TRP A 15 3.57 -11.74 -19.88
CA TRP A 15 2.22 -11.79 -20.42
C TRP A 15 1.62 -10.42 -20.26
N LEU A 16 1.82 -9.80 -19.10
CA LEU A 16 1.29 -8.46 -18.89
C LEU A 16 1.82 -7.53 -19.97
N LEU A 17 3.16 -7.47 -20.08
CA LEU A 17 3.85 -6.64 -21.07
C LEU A 17 3.30 -6.87 -22.47
N SER A 18 3.20 -8.13 -22.87
CA SER A 18 2.67 -8.46 -24.19
C SER A 18 1.14 -8.33 -24.23
N HIS A 19 0.57 -7.55 -23.33
CA HIS A 19 -0.88 -7.37 -23.29
C HIS A 19 -1.26 -5.96 -22.96
N THR A 20 -0.27 -5.09 -22.89
CA THR A 20 -0.53 -3.71 -22.61
C THR A 20 0.66 -3.01 -23.22
N LYS A 21 0.42 -1.85 -23.81
CA LYS A 21 1.49 -1.11 -24.42
C LYS A 21 2.08 -0.18 -23.39
N HIS A 22 1.44 -0.10 -22.23
CA HIS A 22 1.92 0.74 -21.15
C HIS A 22 3.07 0.00 -20.49
N ARG A 23 4.16 0.71 -20.21
CA ARG A 23 5.31 0.16 -19.50
C ARG A 23 5.24 1.05 -18.26
N PRO A 24 4.63 0.56 -17.17
CA PRO A 24 4.49 1.39 -15.96
C PRO A 24 5.77 1.69 -15.20
N GLN A 25 5.85 2.89 -14.61
CA GLN A 25 7.02 3.30 -13.83
C GLN A 25 6.65 3.33 -12.36
N VAL A 26 5.45 3.79 -12.08
CA VAL A 26 4.98 3.86 -10.72
C VAL A 26 3.83 2.89 -10.56
N ALA A 27 3.87 2.08 -9.50
CA ALA A 27 2.80 1.13 -9.22
C ALA A 27 2.13 1.64 -7.96
N ILE A 28 0.83 1.91 -8.01
CA ILE A 28 0.14 2.42 -6.84
C ILE A 28 -0.75 1.31 -6.35
N ILE A 29 -0.84 1.14 -5.03
CA ILE A 29 -1.66 0.10 -4.46
C ILE A 29 -2.74 0.78 -3.64
N CYS A 30 -3.99 0.63 -4.06
CA CYS A 30 -5.09 1.32 -3.41
C CYS A 30 -5.69 0.59 -2.24
N GLY A 31 -5.63 1.25 -1.09
CA GLY A 31 -6.16 0.66 0.12
C GLY A 31 -7.66 0.78 0.14
N SER A 32 -8.28 0.17 1.13
CA SER A 32 -9.74 0.18 1.29
C SER A 32 -10.36 1.53 0.97
N GLY A 33 -11.40 1.50 0.14
CA GLY A 33 -12.09 2.73 -0.23
C GLY A 33 -11.37 3.67 -1.19
N LEU A 34 -10.05 3.71 -1.11
CA LEU A 34 -9.21 4.59 -1.93
C LEU A 34 -9.08 4.13 -3.39
N GLY A 35 -9.91 3.17 -3.76
CA GLY A 35 -9.89 2.57 -5.09
C GLY A 35 -10.24 3.40 -6.30
N GLY A 36 -11.14 4.37 -6.16
CA GLY A 36 -11.52 5.19 -7.29
C GLY A 36 -10.38 6.01 -7.89
N LEU A 37 -9.20 5.95 -7.28
CA LEU A 37 -8.05 6.68 -7.78
C LEU A 37 -7.80 6.22 -9.19
N THR A 38 -8.23 4.99 -9.47
CA THR A 38 -8.08 4.43 -10.79
C THR A 38 -8.91 5.24 -11.77
N ASP A 39 -10.04 5.76 -11.33
CA ASP A 39 -10.89 6.52 -12.22
C ASP A 39 -10.22 7.69 -12.92
N LYS A 40 -9.27 8.32 -12.25
CA LYS A 40 -8.57 9.47 -12.81
C LYS A 40 -7.34 9.16 -13.69
N LEU A 41 -7.16 7.91 -14.06
CA LEU A 41 -6.04 7.57 -14.94
C LEU A 41 -6.48 7.86 -16.37
N THR A 42 -5.52 8.05 -17.27
CA THR A 42 -5.85 8.27 -18.68
C THR A 42 -5.16 7.18 -19.49
N GLN A 43 -5.77 6.84 -20.63
CA GLN A 43 -5.27 5.78 -21.51
C GLN A 43 -5.39 4.50 -20.69
N ALA A 44 -6.38 4.46 -19.81
CA ALA A 44 -6.60 3.33 -18.91
C ALA A 44 -6.86 1.99 -19.58
N GLN A 45 -6.11 0.99 -19.13
CA GLN A 45 -6.23 -0.36 -19.62
C GLN A 45 -6.38 -1.19 -18.36
N ILE A 46 -7.57 -1.78 -18.23
CA ILE A 46 -7.99 -2.61 -17.08
C ILE A 46 -7.88 -4.13 -17.27
N PHE A 47 -7.32 -4.84 -16.28
CA PHE A 47 -7.18 -6.29 -16.33
C PHE A 47 -7.70 -6.80 -15.04
N ASP A 48 -8.69 -7.67 -15.04
CA ASP A 48 -9.11 -8.16 -13.74
C ASP A 48 -8.18 -9.31 -13.40
N TYR A 49 -7.65 -9.28 -12.17
CA TYR A 49 -6.69 -10.27 -11.68
C TYR A 49 -6.86 -11.62 -12.31
N SER A 50 -8.08 -12.08 -12.22
CA SER A 50 -8.49 -13.36 -12.75
C SER A 50 -7.91 -13.69 -14.13
N GLU A 51 -7.95 -12.75 -15.07
CA GLU A 51 -7.46 -13.03 -16.40
C GLU A 51 -5.96 -13.04 -16.53
N ILE A 52 -5.26 -12.56 -15.50
CA ILE A 52 -3.80 -12.53 -15.50
C ILE A 52 -3.20 -13.82 -14.96
N PRO A 53 -2.39 -14.49 -15.78
CA PRO A 53 -1.71 -15.74 -15.47
C PRO A 53 -1.56 -16.31 -14.08
N ASN A 54 -0.57 -15.90 -13.31
CA ASN A 54 -0.39 -16.52 -11.99
C ASN A 54 -0.92 -15.65 -10.87
N PHE A 55 -1.72 -14.67 -11.26
CA PHE A 55 -2.30 -13.70 -10.35
C PHE A 55 -3.37 -14.17 -9.38
N PRO A 56 -3.08 -14.09 -8.06
CA PRO A 56 -4.01 -14.48 -7.01
C PRO A 56 -5.37 -13.87 -7.29
N ARG A 57 -6.42 -14.66 -7.37
CA ARG A 57 -7.73 -14.07 -7.62
C ARG A 57 -8.28 -13.60 -6.29
N SER A 58 -9.10 -12.56 -6.32
CA SER A 58 -9.70 -12.01 -5.09
C SER A 58 -10.65 -13.05 -4.50
N THR A 59 -10.85 -13.06 -3.18
CA THR A 59 -11.78 -14.04 -2.58
C THR A 59 -13.21 -13.65 -2.94
N VAL A 60 -14.21 -14.32 -2.37
CA VAL A 60 -15.64 -14.05 -2.66
C VAL A 60 -16.00 -12.73 -3.36
N PRO A 61 -15.55 -11.59 -2.81
CA PRO A 61 -15.87 -10.30 -3.44
C PRO A 61 -15.60 -10.20 -4.95
N GLY A 62 -16.69 -10.36 -5.70
CA GLY A 62 -16.64 -10.24 -7.14
C GLY A 62 -17.05 -8.83 -7.51
N HIS A 63 -16.89 -7.88 -6.59
CA HIS A 63 -17.25 -6.47 -6.81
C HIS A 63 -16.04 -5.55 -7.01
N ALA A 64 -14.88 -6.17 -7.29
CA ALA A 64 -13.60 -5.49 -7.53
C ALA A 64 -12.46 -6.51 -7.58
N GLY A 65 -11.24 -5.97 -7.70
CA GLY A 65 -10.07 -6.80 -7.77
C GLY A 65 -9.57 -6.72 -9.19
N ARG A 66 -8.90 -5.63 -9.55
CA ARG A 66 -8.38 -5.41 -10.91
C ARG A 66 -7.07 -4.59 -10.93
N LEU A 67 -6.32 -4.75 -12.00
CA LEU A 67 -5.05 -4.08 -12.22
C LEU A 67 -5.28 -3.09 -13.38
N VAL A 68 -5.23 -1.79 -13.09
CA VAL A 68 -5.47 -0.76 -14.11
C VAL A 68 -4.21 -0.04 -14.55
N PHE A 69 -3.78 -0.27 -15.79
CA PHE A 69 -2.60 0.39 -16.35
C PHE A 69 -2.99 1.72 -16.97
N GLY A 70 -2.25 2.78 -16.70
CA GLY A 70 -2.62 4.06 -17.26
C GLY A 70 -1.56 5.11 -17.10
N PHE A 71 -2.01 6.36 -17.22
CA PHE A 71 -1.18 7.54 -17.07
C PHE A 71 -1.86 8.40 -16.04
N LEU A 72 -1.11 8.87 -15.07
CA LEU A 72 -1.65 9.73 -14.03
C LEU A 72 -0.71 10.92 -14.00
N ASN A 73 -1.25 12.12 -14.24
CA ASN A 73 -0.47 13.36 -14.22
C ASN A 73 0.92 13.26 -14.83
N GLY A 74 1.03 12.61 -15.98
CA GLY A 74 2.33 12.53 -16.61
C GLY A 74 3.11 11.25 -16.40
N ARG A 75 2.83 10.56 -15.31
CA ARG A 75 3.50 9.29 -14.99
C ARG A 75 2.72 8.12 -15.54
N ALA A 76 3.43 7.09 -16.02
CA ALA A 76 2.78 5.88 -16.50
C ALA A 76 2.62 4.95 -15.30
N CYS A 77 1.38 4.80 -14.83
CA CYS A 77 1.10 3.98 -13.67
C CYS A 77 0.57 2.61 -13.97
N VAL A 78 0.37 1.87 -12.88
CA VAL A 78 -0.20 0.52 -12.82
C VAL A 78 -0.77 0.54 -11.41
N MET A 79 -2.09 0.52 -11.33
CA MET A 79 -2.76 0.54 -10.04
C MET A 79 -3.45 -0.75 -9.75
N MET A 80 -3.24 -1.25 -8.54
CA MET A 80 -3.85 -2.48 -8.11
C MET A 80 -5.06 -2.03 -7.30
N GLN A 81 -6.25 -2.18 -7.85
CA GLN A 81 -7.42 -1.77 -7.08
C GLN A 81 -7.88 -2.96 -6.29
N GLY A 82 -7.77 -2.85 -4.98
CA GLY A 82 -8.15 -3.95 -4.12
C GLY A 82 -6.95 -4.85 -3.85
N ARG A 83 -6.25 -4.56 -2.77
CA ARG A 83 -5.09 -5.36 -2.40
C ARG A 83 -5.55 -6.65 -1.76
N PHE A 84 -4.58 -7.53 -1.47
CA PHE A 84 -4.84 -8.83 -0.86
C PHE A 84 -4.38 -8.65 0.55
N HIS A 85 -5.06 -9.35 1.46
CA HIS A 85 -4.73 -9.27 2.88
C HIS A 85 -4.52 -10.66 3.49
N MET A 86 -3.86 -10.70 4.65
CA MET A 86 -3.65 -11.95 5.34
C MET A 86 -5.04 -12.46 5.74
N TYR A 87 -5.83 -11.66 6.47
CA TYR A 87 -7.15 -12.14 6.88
C TYR A 87 -7.96 -12.90 5.83
N GLU A 88 -7.81 -12.58 4.56
CA GLU A 88 -8.60 -13.27 3.54
C GLU A 88 -8.14 -14.73 3.44
N GLY A 89 -6.96 -15.00 3.98
CA GLY A 89 -6.40 -16.34 4.01
C GLY A 89 -5.13 -16.54 3.21
N TYR A 90 -4.80 -15.58 2.36
CA TYR A 90 -3.61 -15.68 1.52
C TYR A 90 -2.28 -15.79 2.21
N PRO A 91 -1.41 -16.67 1.70
CA PRO A 91 -0.11 -16.77 2.34
C PRO A 91 0.55 -15.45 1.90
N LEU A 92 1.38 -14.85 2.72
CA LEU A 92 2.03 -13.63 2.31
C LEU A 92 2.71 -13.69 0.93
N TRP A 93 3.17 -14.86 0.50
CA TRP A 93 3.83 -14.91 -0.80
C TRP A 93 2.84 -14.66 -1.94
N LYS A 94 1.56 -14.74 -1.62
CA LYS A 94 0.54 -14.46 -2.61
C LYS A 94 0.18 -12.99 -2.46
N VAL A 95 -0.06 -12.55 -1.22
CA VAL A 95 -0.38 -11.16 -0.93
C VAL A 95 0.54 -10.23 -1.70
N THR A 96 1.84 -10.53 -1.67
CA THR A 96 2.87 -9.75 -2.30
C THR A 96 3.32 -10.17 -3.69
N PHE A 97 2.64 -11.14 -4.29
CA PHE A 97 3.00 -11.57 -5.64
C PHE A 97 2.99 -10.37 -6.59
N PRO A 98 1.93 -9.56 -6.54
CA PRO A 98 2.00 -8.45 -7.48
C PRO A 98 3.19 -7.51 -7.33
N VAL A 99 3.72 -7.35 -6.14
CA VAL A 99 4.83 -6.44 -6.00
C VAL A 99 6.03 -6.88 -6.80
N ARG A 100 6.25 -8.18 -6.92
CA ARG A 100 7.40 -8.67 -7.66
C ARG A 100 7.11 -8.57 -9.17
N VAL A 101 5.86 -8.71 -9.54
CA VAL A 101 5.50 -8.63 -10.95
C VAL A 101 5.80 -7.20 -11.40
N PHE A 102 5.40 -6.23 -10.56
CA PHE A 102 5.62 -4.82 -10.86
C PHE A 102 7.09 -4.55 -11.10
N HIS A 103 7.93 -5.16 -10.28
CA HIS A 103 9.34 -4.99 -10.42
C HIS A 103 9.77 -5.48 -11.79
N LEU A 104 9.30 -6.64 -12.21
CA LEU A 104 9.68 -7.20 -13.50
C LEU A 104 9.07 -6.42 -14.66
N LEU A 105 8.06 -5.61 -14.36
CA LEU A 105 7.39 -4.81 -15.36
C LEU A 105 8.18 -3.54 -15.57
N GLY A 106 9.13 -3.27 -14.67
CA GLY A 106 9.94 -2.08 -14.77
C GLY A 106 9.62 -1.02 -13.74
N VAL A 107 8.62 -1.25 -12.88
CA VAL A 107 8.24 -0.28 -11.85
C VAL A 107 9.40 0.02 -10.91
N ASP A 108 9.66 1.31 -10.67
CA ASP A 108 10.75 1.65 -9.76
C ASP A 108 10.27 2.38 -8.52
N THR A 109 8.97 2.55 -8.45
CA THR A 109 8.41 3.23 -7.32
C THR A 109 7.09 2.56 -7.00
N LEU A 110 6.85 2.37 -5.72
CA LEU A 110 5.62 1.77 -5.31
C LEU A 110 5.07 2.71 -4.27
N VAL A 111 3.83 3.15 -4.45
CA VAL A 111 3.21 3.97 -3.45
C VAL A 111 2.01 3.14 -3.03
N VAL A 112 1.99 2.82 -1.74
CA VAL A 112 0.96 2.01 -1.12
C VAL A 112 0.10 2.87 -0.24
N THR A 113 -1.19 2.73 -0.37
CA THR A 113 -2.09 3.46 0.47
C THR A 113 -2.87 2.41 1.27
N ASN A 114 -3.50 2.84 2.36
CA ASN A 114 -4.31 1.95 3.16
C ASN A 114 -5.24 2.78 4.05
N ALA A 115 -6.15 2.11 4.71
CA ALA A 115 -7.08 2.79 5.61
C ALA A 115 -6.65 2.27 6.97
N ALA A 116 -6.26 3.16 7.86
CA ALA A 116 -5.82 2.69 9.16
C ALA A 116 -6.59 3.34 10.28
N GLY A 117 -6.67 2.66 11.39
CA GLY A 117 -7.33 3.23 12.54
C GLY A 117 -6.22 4.02 13.22
N GLY A 118 -6.58 5.03 14.00
CA GLY A 118 -5.62 5.88 14.67
C GLY A 118 -5.41 5.66 16.14
N LEU A 119 -4.16 5.47 16.53
CA LEU A 119 -3.78 5.23 17.93
C LEU A 119 -3.24 6.49 18.51
N ASN A 120 -2.64 7.32 17.66
CA ASN A 120 -2.12 8.59 18.15
C ASN A 120 -3.35 9.50 18.24
N PRO A 121 -3.57 10.15 19.39
CA PRO A 121 -4.72 11.03 19.62
C PRO A 121 -4.79 12.34 18.84
N LYS A 122 -3.66 12.81 18.32
CA LYS A 122 -3.63 14.05 17.56
C LYS A 122 -4.27 13.84 16.21
N PHE A 123 -4.34 12.58 15.78
CA PHE A 123 -4.93 12.25 14.50
C PHE A 123 -6.42 12.41 14.64
N GLU A 124 -7.07 12.64 13.51
CA GLU A 124 -8.52 12.81 13.49
C GLU A 124 -8.95 12.00 12.29
N VAL A 125 -10.11 11.36 12.39
CA VAL A 125 -10.56 10.59 11.27
C VAL A 125 -10.59 11.51 10.07
N GLY A 126 -10.04 11.04 8.96
CA GLY A 126 -10.01 11.85 7.75
C GLY A 126 -8.58 12.28 7.50
N ASP A 127 -7.81 12.43 8.58
CA ASP A 127 -6.39 12.82 8.51
C ASP A 127 -5.64 11.86 7.58
N ILE A 128 -4.58 12.34 6.94
CA ILE A 128 -3.79 11.45 6.12
C ILE A 128 -2.46 11.42 6.84
N MET A 129 -1.99 10.21 7.09
CA MET A 129 -0.74 10.02 7.78
C MET A 129 0.30 9.44 6.84
N LEU A 130 1.38 10.18 6.61
CA LEU A 130 2.45 9.73 5.74
C LEU A 130 3.16 8.64 6.55
N ILE A 131 3.46 7.52 5.95
CA ILE A 131 4.14 6.46 6.69
C ILE A 131 5.63 6.76 6.70
N ARG A 132 6.16 6.99 7.90
CA ARG A 132 7.55 7.29 8.13
C ARG A 132 8.24 5.99 8.49
N ASP A 133 7.46 5.04 9.01
CA ASP A 133 7.98 3.73 9.39
C ASP A 133 6.87 2.73 9.75
N HIS A 134 7.23 1.46 9.91
CA HIS A 134 6.26 0.43 10.27
C HIS A 134 6.83 -0.47 11.34
N ILE A 135 5.96 -1.28 11.94
CA ILE A 135 6.31 -2.27 12.96
C ILE A 135 5.62 -3.50 12.36
N ASN A 136 6.40 -4.48 11.98
CA ASN A 136 5.78 -5.61 11.33
C ASN A 136 5.48 -6.74 12.27
N LEU A 137 4.53 -6.53 13.17
CA LEU A 137 4.14 -7.56 14.14
C LEU A 137 4.08 -9.01 13.61
N PRO A 138 3.44 -9.26 12.45
CA PRO A 138 3.41 -10.64 11.99
C PRO A 138 4.83 -11.14 11.69
N GLY A 139 5.62 -10.33 11.03
CA GLY A 139 6.98 -10.73 10.73
C GLY A 139 7.79 -11.17 11.94
N PHE A 140 7.49 -10.64 13.12
CA PHE A 140 8.21 -11.06 14.33
C PHE A 140 7.97 -12.56 14.50
N SER A 141 6.71 -12.99 14.47
CA SER A 141 6.39 -14.40 14.63
C SER A 141 6.83 -15.29 13.48
N GLY A 142 7.15 -14.74 12.34
CA GLY A 142 7.57 -15.57 11.23
C GLY A 142 6.78 -15.32 9.97
N GLN A 143 5.76 -14.46 10.10
CA GLN A 143 4.90 -14.12 8.99
C GLN A 143 5.55 -13.03 8.21
N ASN A 144 6.56 -13.44 7.45
CA ASN A 144 7.33 -12.54 6.64
C ASN A 144 7.27 -13.02 5.20
N PRO A 145 7.05 -12.11 4.25
CA PRO A 145 6.96 -12.49 2.85
C PRO A 145 8.24 -13.06 2.27
N LEU A 146 9.39 -12.70 2.85
CA LEU A 146 10.69 -13.18 2.39
C LEU A 146 11.07 -14.54 2.89
N ARG A 147 10.23 -15.13 3.74
CA ARG A 147 10.48 -16.44 4.34
C ARG A 147 10.61 -17.47 3.27
N GLY A 148 11.53 -18.38 3.50
CA GLY A 148 11.82 -19.43 2.57
C GLY A 148 13.15 -19.08 1.92
N PRO A 149 13.61 -19.95 1.04
CA PRO A 149 14.87 -19.71 0.37
C PRO A 149 14.79 -18.37 -0.38
N ASN A 150 15.87 -17.58 -0.33
CA ASN A 150 15.96 -16.25 -0.96
C ASN A 150 16.47 -16.30 -2.36
N ASP A 151 15.75 -15.65 -3.27
CA ASP A 151 16.15 -15.63 -4.68
C ASP A 151 16.99 -14.42 -4.91
N GLU A 152 18.29 -14.63 -5.05
CA GLU A 152 19.21 -13.55 -5.27
C GLU A 152 18.88 -12.73 -6.54
N ARG A 153 17.94 -13.23 -7.34
CA ARG A 153 17.53 -12.57 -8.58
C ARG A 153 16.58 -11.39 -8.29
N PHE A 154 16.07 -11.34 -7.07
CA PHE A 154 15.18 -10.30 -6.63
C PHE A 154 15.95 -9.51 -5.60
N GLY A 155 16.62 -10.18 -4.69
CA GLY A 155 17.36 -9.44 -3.70
C GLY A 155 18.20 -10.25 -2.74
N ASP A 156 18.41 -9.64 -1.57
CA ASP A 156 19.20 -10.23 -0.53
C ASP A 156 18.41 -11.19 0.37
N ARG A 157 19.17 -12.03 1.08
CA ARG A 157 18.59 -12.96 2.01
C ARG A 157 18.03 -12.05 3.08
N PHE A 158 18.91 -11.23 3.64
CA PHE A 158 18.61 -10.33 4.73
C PHE A 158 18.55 -8.87 4.31
N PRO A 159 17.46 -8.44 3.64
CA PRO A 159 17.38 -7.05 3.24
C PRO A 159 17.17 -6.18 4.47
N ALA A 160 17.59 -4.92 4.41
CA ALA A 160 17.42 -3.98 5.53
C ALA A 160 16.17 -3.18 5.32
N MET A 161 15.52 -2.80 6.43
CA MET A 161 14.27 -2.04 6.37
C MET A 161 14.30 -0.69 7.11
N SER A 162 15.43 -0.38 7.72
CA SER A 162 15.59 0.87 8.44
C SER A 162 15.28 2.04 7.50
N ASP A 163 15.43 1.79 6.19
CA ASP A 163 15.24 2.79 5.15
C ASP A 163 14.05 2.56 4.22
N ALA A 164 13.09 1.75 4.63
CA ALA A 164 11.94 1.44 3.82
C ALA A 164 11.27 2.59 3.08
N TYR A 165 10.58 3.41 3.85
CA TYR A 165 9.85 4.50 3.27
C TYR A 165 10.77 5.66 2.84
N ASP A 166 10.93 5.81 1.53
CA ASP A 166 11.80 6.83 0.96
C ASP A 166 11.77 8.19 1.65
N ARG A 167 12.96 8.61 2.08
CA ARG A 167 13.18 9.87 2.77
C ARG A 167 12.90 11.09 1.87
N THR A 168 13.23 10.97 0.59
CA THR A 168 13.03 12.04 -0.40
C THR A 168 11.55 12.24 -0.68
N MET A 169 10.90 11.16 -1.10
CA MET A 169 9.48 11.16 -1.40
C MET A 169 8.70 11.80 -0.26
N ARG A 170 9.06 11.47 0.98
CA ARG A 170 8.36 12.02 2.12
C ARG A 170 8.53 13.51 2.17
N GLN A 171 9.76 13.97 1.95
CA GLN A 171 10.07 15.41 1.94
C GLN A 171 9.11 16.10 0.99
N ARG A 172 9.06 15.59 -0.24
CA ARG A 172 8.21 16.13 -1.29
C ARG A 172 6.72 16.08 -0.97
N ALA A 173 6.23 14.96 -0.45
CA ALA A 173 4.81 14.87 -0.15
C ALA A 173 4.42 15.98 0.81
N LEU A 174 5.31 16.26 1.77
CA LEU A 174 5.02 17.31 2.75
C LEU A 174 4.87 18.64 2.06
N SER A 175 5.86 19.00 1.24
CA SER A 175 5.83 20.25 0.49
C SER A 175 4.59 20.31 -0.41
N THR A 176 4.39 19.27 -1.20
CA THR A 176 3.23 19.18 -2.07
C THR A 176 1.95 19.48 -1.28
N TRP A 177 1.87 19.00 -0.04
CA TRP A 177 0.69 19.23 0.78
C TRP A 177 0.54 20.72 1.09
N LYS A 178 1.66 21.34 1.45
CA LYS A 178 1.65 22.75 1.76
C LYS A 178 1.16 23.53 0.53
N GLN A 179 1.73 23.22 -0.65
CA GLN A 179 1.36 23.87 -1.90
C GLN A 179 0.06 23.28 -2.45
N MET A 180 -0.94 23.25 -1.58
CA MET A 180 -2.26 22.74 -1.86
C MET A 180 -3.12 23.52 -0.85
N GLY A 181 -2.44 24.33 -0.03
CA GLY A 181 -3.07 25.13 1.02
C GLY A 181 -4.10 24.28 1.73
N GLU A 182 -3.67 23.27 2.48
CA GLU A 182 -4.61 22.39 3.14
C GLU A 182 -5.19 22.69 4.52
N GLN A 183 -4.46 23.45 5.33
CA GLN A 183 -4.89 23.77 6.70
C GLN A 183 -4.59 22.58 7.63
N ARG A 184 -5.29 21.46 7.43
CA ARG A 184 -5.07 20.27 8.25
C ARG A 184 -3.78 19.59 7.77
N GLU A 185 -2.71 19.72 8.54
CA GLU A 185 -1.42 19.16 8.16
C GLU A 185 -1.29 17.67 7.97
N LEU A 186 -0.48 17.34 6.98
CA LEU A 186 -0.15 15.98 6.62
C LEU A 186 0.49 15.44 7.86
N GLN A 187 -0.07 14.37 8.40
CA GLN A 187 0.49 13.76 9.60
C GLN A 187 1.63 12.84 9.18
N GLU A 188 2.42 12.41 10.15
CA GLU A 188 3.54 11.51 9.91
C GLU A 188 3.63 10.62 11.13
N GLY A 189 3.79 9.32 10.90
CA GLY A 189 3.86 8.40 11.99
C GLY A 189 4.32 7.02 11.57
N THR A 190 4.09 6.06 12.45
CA THR A 190 4.50 4.66 12.27
C THR A 190 3.26 3.76 12.17
N TYR A 191 3.18 3.03 11.09
CA TYR A 191 2.05 2.16 10.87
C TYR A 191 2.37 0.79 11.44
N VAL A 192 1.45 0.22 12.21
CA VAL A 192 1.69 -1.11 12.77
C VAL A 192 0.76 -2.11 12.14
N MET A 193 1.28 -3.18 11.55
CA MET A 193 0.38 -4.16 10.96
C MET A 193 -0.02 -5.17 11.99
N VAL A 194 -1.29 -5.53 11.93
CA VAL A 194 -1.94 -6.49 12.79
C VAL A 194 -2.61 -7.33 11.71
N ALA A 195 -2.55 -8.64 11.79
CA ALA A 195 -3.15 -9.48 10.76
C ALA A 195 -4.63 -9.74 10.86
N GLY A 196 -5.01 -10.53 11.89
CA GLY A 196 -6.38 -10.96 12.11
C GLY A 196 -7.40 -10.01 11.58
N PRO A 197 -8.56 -10.46 11.09
CA PRO A 197 -9.62 -9.60 10.54
C PRO A 197 -10.37 -8.82 11.62
N SER A 198 -10.46 -9.39 12.82
CA SER A 198 -11.20 -8.71 13.88
C SER A 198 -10.50 -7.40 14.24
N PHE A 199 -11.23 -6.50 14.90
CA PHE A 199 -10.67 -5.24 15.29
C PHE A 199 -10.08 -5.29 16.69
N GLU A 200 -9.17 -4.37 16.96
CA GLU A 200 -8.50 -4.33 18.25
C GLU A 200 -9.49 -4.22 19.40
N THR A 201 -9.02 -4.62 20.59
CA THR A 201 -9.80 -4.52 21.81
C THR A 201 -9.09 -3.37 22.48
N VAL A 202 -9.69 -2.80 23.51
CA VAL A 202 -9.03 -1.69 24.16
C VAL A 202 -7.63 -2.02 24.69
N ALA A 203 -7.43 -3.22 25.20
CA ALA A 203 -6.14 -3.58 25.75
C ALA A 203 -5.18 -3.68 24.62
N GLU A 204 -5.62 -4.27 23.52
CA GLU A 204 -4.77 -4.44 22.35
C GLU A 204 -4.42 -3.06 21.84
N CYS A 205 -5.42 -2.19 21.79
CA CYS A 205 -5.24 -0.83 21.34
C CYS A 205 -4.18 -0.14 22.17
N ARG A 206 -4.21 -0.35 23.46
CA ARG A 206 -3.23 0.25 24.34
C ARG A 206 -1.82 -0.31 24.21
N VAL A 207 -1.67 -1.60 23.87
CA VAL A 207 -0.31 -2.12 23.74
C VAL A 207 0.30 -1.56 22.46
N LEU A 208 -0.54 -1.35 21.45
CA LEU A 208 -0.11 -0.80 20.17
C LEU A 208 0.35 0.64 20.37
N GLN A 209 -0.38 1.40 21.19
CA GLN A 209 -0.03 2.79 21.48
C GLN A 209 1.30 2.84 22.24
N LYS A 210 1.49 1.90 23.15
CA LYS A 210 2.69 1.82 23.96
C LYS A 210 3.87 1.36 23.11
N LEU A 211 3.62 0.48 22.16
CA LEU A 211 4.64 -0.04 21.26
C LEU A 211 5.19 1.02 20.37
N GLY A 212 4.47 2.12 20.20
CA GLY A 212 4.97 3.20 19.35
C GLY A 212 4.30 3.43 18.02
N ALA A 213 3.22 2.73 17.77
CA ALA A 213 2.48 2.84 16.54
C ALA A 213 1.61 4.08 16.56
N ASP A 214 1.30 4.60 15.38
CA ASP A 214 0.47 5.78 15.27
C ASP A 214 -0.80 5.42 14.60
N ALA A 215 -0.71 4.40 13.75
CA ALA A 215 -1.86 3.91 13.02
C ALA A 215 -1.68 2.39 12.99
N VAL A 216 -2.81 1.68 12.98
CA VAL A 216 -2.85 0.22 12.95
C VAL A 216 -3.70 -0.20 11.77
N GLY A 217 -3.18 -1.10 10.98
CA GLY A 217 -3.88 -1.56 9.80
C GLY A 217 -3.68 -3.04 9.62
N MET A 218 -4.10 -3.55 8.48
CA MET A 218 -3.98 -4.97 8.29
C MET A 218 -3.42 -5.24 6.94
N SER A 219 -2.53 -4.38 6.49
CA SER A 219 -1.94 -4.54 5.18
C SER A 219 -0.71 -3.69 5.05
N THR A 220 -0.29 -3.48 3.81
CA THR A 220 0.86 -2.65 3.44
C THR A 220 2.23 -3.24 3.73
N VAL A 221 2.50 -3.58 4.99
CA VAL A 221 3.81 -4.08 5.36
C VAL A 221 4.34 -5.25 4.58
N PRO A 222 3.52 -6.25 4.23
CA PRO A 222 4.18 -7.30 3.45
C PRO A 222 4.66 -6.72 2.11
N GLU A 223 3.84 -5.87 1.48
CA GLU A 223 4.19 -5.27 0.18
C GLU A 223 5.46 -4.42 0.26
N VAL A 224 5.52 -3.54 1.26
CA VAL A 224 6.68 -2.67 1.47
C VAL A 224 7.87 -3.60 1.62
N ILE A 225 7.76 -4.63 2.46
CA ILE A 225 8.87 -5.53 2.61
C ILE A 225 9.38 -6.11 1.29
N VAL A 226 8.53 -6.77 0.51
CA VAL A 226 9.09 -7.32 -0.72
C VAL A 226 9.46 -6.28 -1.78
N ALA A 227 8.90 -5.09 -1.71
CA ALA A 227 9.23 -4.02 -2.67
C ALA A 227 10.67 -3.64 -2.40
N ARG A 228 10.91 -3.27 -1.15
CA ARG A 228 12.23 -2.89 -0.71
C ARG A 228 13.22 -4.00 -0.94
N HIS A 229 12.77 -5.23 -0.79
CA HIS A 229 13.67 -6.35 -1.02
C HIS A 229 14.16 -6.39 -2.46
N CYS A 230 13.34 -5.93 -3.39
CA CYS A 230 13.77 -5.99 -4.76
C CYS A 230 14.11 -4.61 -5.27
N GLY A 231 14.36 -3.69 -4.35
CA GLY A 231 14.78 -2.36 -4.71
C GLY A 231 13.79 -1.23 -4.96
N LEU A 232 12.50 -1.52 -5.06
CA LEU A 232 11.53 -0.47 -5.33
C LEU A 232 11.55 0.70 -4.35
N ARG A 233 11.40 1.91 -4.85
CA ARG A 233 11.34 3.08 -4.01
C ARG A 233 9.91 2.99 -3.47
N VAL A 234 9.77 3.02 -2.17
CA VAL A 234 8.45 2.90 -1.55
C VAL A 234 8.07 4.17 -0.86
N PHE A 235 6.83 4.58 -0.99
CA PHE A 235 6.31 5.78 -0.33
C PHE A 235 4.87 5.34 -0.13
N GLY A 236 4.30 5.60 1.02
CA GLY A 236 2.93 5.20 1.20
C GLY A 236 2.24 6.02 2.27
N PHE A 237 0.92 5.94 2.34
CA PHE A 237 0.22 6.67 3.37
C PHE A 237 -1.02 5.98 3.87
N SER A 238 -1.41 6.38 5.07
CA SER A 238 -2.55 5.86 5.76
C SER A 238 -3.64 6.93 5.80
N LEU A 239 -4.89 6.52 5.67
CA LEU A 239 -6.00 7.44 5.77
C LEU A 239 -6.62 7.05 7.14
N ILE A 240 -6.55 7.92 8.13
CA ILE A 240 -7.11 7.63 9.44
C ILE A 240 -8.62 7.56 9.32
N THR A 241 -9.17 6.37 9.15
CA THR A 241 -10.60 6.23 9.02
C THR A 241 -11.34 6.17 10.33
N ASN A 242 -10.63 6.02 11.44
CA ASN A 242 -11.33 5.95 12.72
C ASN A 242 -10.38 5.96 13.89
N LYS A 243 -10.73 6.67 14.97
CA LYS A 243 -9.88 6.68 16.15
C LYS A 243 -10.16 5.35 16.82
N VAL A 244 -9.12 4.55 17.05
CA VAL A 244 -9.35 3.28 17.69
C VAL A 244 -9.66 3.62 19.13
N ILE A 245 -10.60 2.89 19.73
CA ILE A 245 -11.05 3.12 21.11
C ILE A 245 -10.05 2.71 22.19
N MET A 246 -9.54 3.70 22.93
CA MET A 246 -8.55 3.48 24.00
C MET A 246 -9.10 3.51 25.42
N ASP A 247 -10.42 3.63 25.56
CA ASP A 247 -11.00 3.69 26.89
C ASP A 247 -12.09 2.68 27.03
N TYR A 248 -12.26 2.19 28.24
CA TYR A 248 -13.28 1.19 28.49
C TYR A 248 -14.66 1.81 28.47
N GLU A 249 -14.73 3.12 28.68
CA GLU A 249 -16.01 3.85 28.67
C GLU A 249 -16.55 3.79 27.23
N SER A 250 -15.64 3.40 26.33
CA SER A 250 -15.84 3.21 24.90
C SER A 250 -17.09 3.80 24.31
N LEU A 251 -18.19 3.09 24.52
CA LEU A 251 -19.53 3.41 24.01
C LEU A 251 -19.55 3.10 22.51
N GLU A 252 -18.69 3.80 21.77
CA GLU A 252 -18.55 3.62 20.33
C GLU A 252 -17.92 2.23 20.12
N LYS A 253 -17.96 1.72 18.89
CA LYS A 253 -17.42 0.40 18.60
C LYS A 253 -16.86 0.42 17.18
N ALA A 254 -15.70 -0.19 16.96
CA ALA A 254 -15.07 -0.19 15.63
C ALA A 254 -15.93 -0.86 14.56
N ASN A 255 -16.06 -0.21 13.42
CA ASN A 255 -16.84 -0.72 12.28
C ASN A 255 -16.10 -0.51 10.97
N HIS A 256 -16.07 -1.54 10.11
CA HIS A 256 -15.40 -1.41 8.81
C HIS A 256 -16.52 -1.20 7.86
N GLU A 257 -17.58 -1.93 8.17
CA GLU A 257 -18.84 -1.91 7.43
C GLU A 257 -19.33 -0.49 7.78
N GLU A 258 -18.50 0.47 7.34
CA GLU A 258 -18.59 1.90 7.53
C GLU A 258 -17.28 2.36 6.87
N VAL A 259 -17.07 1.92 5.62
CA VAL A 259 -15.87 2.31 4.88
C VAL A 259 -16.15 3.68 4.25
N LEU A 260 -16.75 4.51 5.08
CA LEU A 260 -17.20 5.85 4.76
C LEU A 260 -16.03 6.79 4.64
N ALA A 261 -15.40 7.06 5.78
CA ALA A 261 -14.26 7.97 5.86
C ALA A 261 -13.48 8.03 4.56
N ALA A 262 -13.09 6.85 4.09
CA ALA A 262 -12.32 6.74 2.87
C ALA A 262 -13.04 7.33 1.65
N GLY A 263 -14.29 6.92 1.43
CA GLY A 263 -15.07 7.42 0.30
C GLY A 263 -15.58 8.83 0.55
N LYS A 264 -15.59 9.21 1.81
CA LYS A 264 -16.05 10.53 2.18
C LYS A 264 -14.88 11.45 1.89
N GLN A 265 -14.80 12.55 2.64
CA GLN A 265 -13.75 13.58 2.50
C GLN A 265 -12.48 13.13 1.79
N ALA A 266 -11.99 11.96 2.17
CA ALA A 266 -10.78 11.40 1.61
C ALA A 266 -10.83 11.17 0.10
N ALA A 267 -11.84 10.44 -0.36
CA ALA A 267 -12.02 10.12 -1.78
C ALA A 267 -11.32 11.08 -2.73
N GLN A 268 -11.59 12.37 -2.55
CA GLN A 268 -11.00 13.38 -3.40
C GLN A 268 -9.67 13.87 -2.88
N LYS A 269 -9.72 14.55 -1.75
CA LYS A 269 -8.54 15.10 -1.10
C LYS A 269 -7.32 14.24 -1.31
N LEU A 270 -7.48 12.94 -1.16
CA LEU A 270 -6.37 12.01 -1.32
C LEU A 270 -6.03 11.68 -2.78
N GLU A 271 -7.02 11.37 -3.61
CA GLU A 271 -6.68 11.05 -4.97
C GLU A 271 -6.04 12.23 -5.71
N GLN A 272 -6.34 13.46 -5.32
CA GLN A 272 -5.69 14.61 -5.97
C GLN A 272 -4.28 14.76 -5.38
N PHE A 273 -4.14 14.43 -4.11
CA PHE A 273 -2.85 14.47 -3.43
C PHE A 273 -1.92 13.56 -4.19
N VAL A 274 -2.40 12.35 -4.48
CA VAL A 274 -1.63 11.36 -5.22
C VAL A 274 -1.21 11.86 -6.61
N SER A 275 -2.12 12.50 -7.36
CA SER A 275 -1.81 13.03 -8.69
C SER A 275 -0.66 14.03 -8.74
N ILE A 276 -0.69 15.05 -7.89
CA ILE A 276 0.40 16.02 -7.91
C ILE A 276 1.71 15.36 -7.60
N LEU A 277 1.68 14.34 -6.75
CA LEU A 277 2.91 13.62 -6.39
C LEU A 277 3.53 12.93 -7.59
N MET A 278 2.72 12.51 -8.55
CA MET A 278 3.31 11.84 -9.73
C MET A 278 4.42 12.72 -10.29
N ALA A 279 4.16 14.02 -10.28
CA ALA A 279 5.06 15.04 -10.76
C ALA A 279 6.36 15.01 -9.98
N SER A 280 6.24 14.77 -8.68
CA SER A 280 7.41 14.71 -7.81
C SER A 280 8.19 13.39 -7.84
N ILE A 281 7.70 12.37 -8.55
CA ILE A 281 8.42 11.10 -8.64
C ILE A 281 9.44 11.32 -9.75
N PRO A 282 10.73 11.19 -9.45
CA PRO A 282 11.78 11.39 -10.45
C PRO A 282 11.67 10.46 -11.63
N LEU A 283 11.76 11.04 -12.81
CA LEU A 283 11.69 10.28 -14.05
C LEU A 283 12.93 9.45 -14.20
N PRO A 284 12.78 8.18 -14.65
CA PRO A 284 13.93 7.29 -14.85
C PRO A 284 14.88 7.89 -15.90
N ASP A 285 14.46 9.03 -16.44
CA ASP A 285 15.20 9.80 -17.44
C ASP A 285 15.83 11.02 -16.75
N LYS A 286 14.97 11.80 -16.06
CA LYS A 286 15.34 13.01 -15.30
C LYS A 286 16.57 13.84 -15.75
N ALA A 287 17.73 13.65 -15.10
CA ALA A 287 18.98 14.38 -15.41
C ALA A 287 18.85 15.91 -15.56
N SER A 288 19.03 16.59 -14.42
CA SER A 288 18.94 18.06 -14.26
C SER A 288 17.47 18.46 -13.96
#